data_5Q24
#
_entry.id   5Q24
#
_cell.length_a   51.892
_cell.length_b   57.040
_cell.length_c   115.019
_cell.angle_alpha   90.000
_cell.angle_beta   90.000
_cell.angle_gamma   90.000
#
_symmetry.space_group_name_H-M   'P 21 21 21'
#
loop_
_entity.id
_entity.type
_entity.pdbx_description
1 polymer 'DNA cross-link repair 1A protein'
2 non-polymer 'MALONATE ION'
3 non-polymer 'NICKEL (II) ION'
4 non-polymer 4-[[[(4~{S})-2,2-dimethyloxan-4-yl]amino]methyl]phenol
5 water water
#
_entity_poly.entity_id   1
_entity_poly.type   'polypeptide(L)'
_entity_poly.pdbx_seq_one_letter_code
;KKTCPFYKKIPGTGFTVDAFQYGVVEGCTAYFLTHFHSDHYAGLSKHFTFPVYCSEITGNLLKNKLHVQEQYIHPLPLDT
ECIVNGVKVVLLDANHCPGAVMILFYLPNGTVILHTGDFRADPSMERSLLADQKVHMLYLDTTYCSPEYTFPSQQEVIRF
AINTAFEAVTLNPHALVVCGTYSIGKEKVFLAIADVLGSKVGMSQEKYKTLQCLNIPEINSLITTDMCSSLVHLLPMMQI
NFKGLQSHLKKCGGKYNQILAFRPTGWTHSNKFTRIADVIPQTKGNISIYGIPYSEHSSYLEMKRFVQWLKPQKIIPTVN
VGTWKSRSTMEKYFREWKLEAGY
;
_entity_poly.pdbx_strand_id   A
#
# COMPACT_ATOMS: atom_id res chain seq x y z
N THR A 3 -16.76 -14.22 13.45
CA THR A 3 -17.57 -14.51 12.22
C THR A 3 -17.10 -13.72 10.99
N CYS A 4 -16.79 -14.44 9.92
CA CYS A 4 -16.27 -13.82 8.70
C CYS A 4 -17.38 -13.03 7.98
N PRO A 5 -17.12 -11.75 7.61
CA PRO A 5 -18.16 -10.98 6.93
C PRO A 5 -18.35 -11.37 5.45
N PHE A 6 -19.54 -11.10 4.92
CA PHE A 6 -19.91 -11.56 3.57
C PHE A 6 -18.98 -11.02 2.47
N TYR A 7 -18.50 -9.79 2.64
CA TYR A 7 -17.64 -9.16 1.64
C TYR A 7 -16.20 -9.73 1.56
N LYS A 8 -15.86 -10.68 2.44
CA LYS A 8 -14.58 -11.41 2.36
C LYS A 8 -14.75 -12.84 1.82
N LYS A 9 -15.97 -13.19 1.41
CA LYS A 9 -16.26 -14.51 0.83
C LYS A 9 -16.49 -14.38 -0.67
N ILE A 10 -16.00 -15.36 -1.44
CA ILE A 10 -16.20 -15.41 -2.89
C ILE A 10 -17.28 -16.47 -3.22
N PRO A 11 -18.47 -16.03 -3.67
CA PRO A 11 -19.58 -16.99 -3.84
C PRO A 11 -19.29 -18.03 -4.92
N GLY A 12 -19.81 -19.25 -4.72
CA GLY A 12 -19.60 -20.35 -5.66
C GLY A 12 -18.23 -20.99 -5.60
N THR A 13 -17.44 -20.65 -4.57
CA THR A 13 -16.11 -21.21 -4.37
C THR A 13 -15.92 -21.55 -2.89
N GLY A 14 -14.84 -22.24 -2.59
CA GLY A 14 -14.37 -22.39 -1.21
C GLY A 14 -13.36 -21.33 -0.81
N PHE A 15 -13.41 -20.12 -1.40
CA PHE A 15 -12.35 -19.13 -1.17
C PHE A 15 -12.78 -17.98 -0.28
N THR A 16 -11.84 -17.51 0.55
CA THR A 16 -11.96 -16.22 1.22
C THR A 16 -10.76 -15.34 0.85
N VAL A 17 -10.92 -14.03 1.05
CA VAL A 17 -9.89 -13.03 0.78
C VAL A 17 -9.63 -12.19 2.04
N ASP A 18 -8.37 -12.16 2.49
CA ASP A 18 -7.95 -11.36 3.67
C ASP A 18 -8.79 -11.65 4.95
N ALA A 19 -8.98 -12.95 5.20
CA ALA A 19 -9.87 -13.44 6.27
C ALA A 19 -9.16 -14.43 7.23
N PHE A 20 -8.17 -13.93 7.95
CA PHE A 20 -7.33 -14.76 8.83
C PHE A 20 -7.60 -14.57 10.33
N GLN A 21 -8.51 -13.66 10.68
CA GLN A 21 -8.81 -13.31 12.09
C GLN A 21 -10.12 -13.89 12.63
N TYR A 22 -10.68 -14.86 11.92
CA TYR A 22 -12.02 -15.42 12.23
C TYR A 22 -11.97 -16.91 12.60
N GLY A 23 -10.79 -17.43 12.92
CA GLY A 23 -10.62 -18.87 13.15
C GLY A 23 -10.78 -19.66 11.87
N VAL A 24 -11.20 -20.92 12.01
CA VAL A 24 -11.47 -21.79 10.86
C VAL A 24 -12.79 -21.36 10.22
N VAL A 25 -12.74 -20.86 9.00
CA VAL A 25 -13.94 -20.38 8.31
C VAL A 25 -14.63 -21.57 7.66
N GLU A 26 -15.91 -21.77 7.97
CA GLU A 26 -16.66 -22.95 7.51
C GLU A 26 -16.75 -22.99 5.99
N GLY A 27 -16.25 -24.08 5.42
CA GLY A 27 -16.25 -24.30 3.97
C GLY A 27 -15.06 -23.73 3.21
N CYS A 28 -14.13 -23.04 3.88
CA CYS A 28 -13.00 -22.43 3.19
C CYS A 28 -11.88 -23.45 2.95
N THR A 29 -11.59 -23.71 1.69
CA THR A 29 -10.53 -24.64 1.26
C THR A 29 -9.22 -23.95 0.87
N ALA A 30 -9.27 -22.64 0.62
CA ALA A 30 -8.09 -21.85 0.29
C ALA A 30 -8.29 -20.39 0.73
N TYR A 31 -7.28 -19.86 1.44
CA TYR A 31 -7.27 -18.49 1.95
C TYR A 31 -6.34 -17.64 1.10
N PHE A 32 -6.90 -16.65 0.39
CA PHE A 32 -6.08 -15.69 -0.35
C PHE A 32 -5.68 -14.48 0.53
N LEU A 33 -4.45 -13.99 0.30
CA LEU A 33 -3.94 -12.80 0.97
C LEU A 33 -3.45 -11.80 -0.09
N THR A 34 -4.12 -10.65 -0.20
CA THR A 34 -3.82 -9.68 -1.27
C THR A 34 -2.48 -8.96 -1.07
N HIS A 35 -2.11 -8.69 0.18
CA HIS A 35 -0.88 -7.94 0.50
C HIS A 35 -0.51 -8.01 1.98
N PHE A 36 0.75 -7.72 2.28
CA PHE A 36 1.26 -7.78 3.65
C PHE A 36 1.08 -6.46 4.45
N HIS A 37 -0.17 -6.08 4.71
CA HIS A 37 -0.53 -5.03 5.69
C HIS A 37 -1.33 -5.67 6.83
N SER A 38 -1.10 -5.22 8.06
CA SER A 38 -1.58 -5.90 9.27
C SER A 38 -3.10 -6.04 9.39
N ASP A 39 -3.88 -5.06 8.94
CA ASP A 39 -5.36 -5.20 8.94
C ASP A 39 -5.84 -6.36 8.04
N HIS A 40 -5.02 -6.73 7.05
CA HIS A 40 -5.35 -7.80 6.11
C HIS A 40 -4.79 -9.17 6.50
N TYR A 41 -3.57 -9.23 7.03
CA TYR A 41 -2.99 -10.50 7.51
C TYR A 41 -3.34 -10.89 8.95
N ALA A 42 -4.00 -9.99 9.69
CA ALA A 42 -4.33 -10.20 11.12
C ALA A 42 -4.84 -11.63 11.38
N GLY A 43 -4.09 -12.38 12.20
CA GLY A 43 -4.39 -13.77 12.54
C GLY A 43 -3.41 -14.83 12.07
N LEU A 44 -2.66 -14.55 10.99
CA LEU A 44 -1.60 -15.46 10.49
C LEU A 44 -0.39 -15.57 11.42
N SER A 45 0.17 -16.79 11.53
CA SER A 45 1.32 -17.11 12.40
C SER A 45 1.98 -18.45 11.99
N LYS A 46 3.04 -18.86 12.71
CA LYS A 46 3.68 -20.17 12.43
C LYS A 46 2.78 -21.40 12.60
N HIS A 47 1.67 -21.24 13.29
CA HIS A 47 0.74 -22.34 13.56
C HIS A 47 -0.45 -22.42 12.59
N PHE A 48 -0.48 -21.56 11.56
CA PHE A 48 -1.51 -21.65 10.52
C PHE A 48 -1.25 -22.87 9.64
N THR A 49 -2.26 -23.73 9.46
CA THR A 49 -2.10 -24.99 8.70
C THR A 49 -3.08 -25.22 7.53
N PHE A 50 -3.61 -24.12 6.98
CA PHE A 50 -4.38 -24.18 5.73
C PHE A 50 -3.58 -23.55 4.58
N PRO A 51 -3.91 -23.90 3.32
CA PRO A 51 -3.24 -23.30 2.17
C PRO A 51 -3.46 -21.78 2.06
N VAL A 52 -2.37 -21.03 1.87
CA VAL A 52 -2.41 -19.58 1.65
C VAL A 52 -1.91 -19.27 0.26
N TYR A 53 -2.71 -18.53 -0.50
CA TYR A 53 -2.37 -18.16 -1.87
C TYR A 53 -2.10 -16.66 -1.95
N CYS A 54 -0.99 -16.30 -2.60
CA CYS A 54 -0.46 -14.92 -2.57
C CYS A 54 0.63 -14.72 -3.63
N SER A 55 1.13 -13.49 -3.76
CA SER A 55 2.28 -13.20 -4.61
C SER A 55 3.59 -13.78 -4.01
N GLU A 56 4.64 -13.85 -4.83
CA GLU A 56 6.00 -14.26 -4.38
C GLU A 56 6.51 -13.36 -3.23
N ILE A 57 6.40 -12.04 -3.41
CA ILE A 57 6.84 -11.09 -2.38
C ILE A 57 6.07 -11.26 -1.07
N THR A 58 4.75 -11.35 -1.15
CA THR A 58 3.97 -11.60 0.07
C THR A 58 4.38 -12.93 0.73
N GLY A 59 4.65 -13.95 -0.10
CA GLY A 59 5.15 -15.25 0.41
C GLY A 59 6.48 -15.16 1.16
N ASN A 60 7.41 -14.35 0.64
CA ASN A 60 8.70 -14.09 1.31
C ASN A 60 8.49 -13.49 2.70
N LEU A 61 7.56 -12.53 2.81
CA LEU A 61 7.24 -11.89 4.09
C LEU A 61 6.54 -12.83 5.08
N LEU A 62 5.61 -13.64 4.60
CA LEU A 62 4.98 -14.66 5.46
C LEU A 62 6.01 -15.63 6.07
N LYS A 63 6.95 -16.10 5.25
CA LYS A 63 7.98 -17.06 5.67
C LYS A 63 8.95 -16.46 6.68
N ASN A 64 9.44 -15.25 6.38
CA ASN A 64 10.53 -14.65 7.17
C ASN A 64 10.09 -13.76 8.34
N LYS A 65 8.97 -13.05 8.20
CA LYS A 65 8.48 -12.13 9.25
C LYS A 65 7.46 -12.76 10.19
N LEU A 66 6.49 -13.52 9.65
CA LEU A 66 5.48 -14.21 10.49
C LEU A 66 5.79 -15.68 10.81
N HIS A 67 6.83 -16.23 10.18
N HIS A 67 6.82 -16.23 10.17
CA HIS A 67 7.28 -17.61 10.33
CA HIS A 67 7.28 -17.60 10.43
C HIS A 67 6.25 -18.68 9.97
C HIS A 67 6.27 -18.68 9.99
N VAL A 68 5.48 -18.40 8.94
CA VAL A 68 4.52 -19.38 8.38
C VAL A 68 5.35 -20.48 7.71
N GLN A 69 4.99 -21.73 7.96
CA GLN A 69 5.74 -22.86 7.39
C GLN A 69 5.59 -22.89 5.88
N GLU A 70 6.69 -23.21 5.22
CA GLU A 70 6.81 -23.19 3.77
C GLU A 70 5.79 -24.09 3.04
N GLN A 71 5.49 -25.25 3.63
CA GLN A 71 4.52 -26.19 3.03
C GLN A 71 3.08 -25.63 2.82
N TYR A 72 2.72 -24.58 3.55
CA TYR A 72 1.40 -23.95 3.42
C TYR A 72 1.37 -22.66 2.60
N ILE A 73 2.53 -22.21 2.12
CA ILE A 73 2.62 -20.99 1.30
C ILE A 73 2.62 -21.36 -0.18
N HIS A 74 1.63 -20.83 -0.92
CA HIS A 74 1.45 -21.10 -2.35
C HIS A 74 1.60 -19.80 -3.16
N PRO A 75 2.85 -19.43 -3.50
CA PRO A 75 3.03 -18.24 -4.32
C PRO A 75 2.62 -18.48 -5.77
N LEU A 76 2.00 -17.47 -6.39
CA LEU A 76 1.60 -17.52 -7.80
C LEU A 76 2.26 -16.39 -8.57
N PRO A 77 2.71 -16.66 -9.82
CA PRO A 77 3.25 -15.61 -10.67
C PRO A 77 2.13 -14.63 -11.08
N LEU A 78 2.51 -13.39 -11.36
CA LEU A 78 1.56 -12.39 -11.88
C LEU A 78 1.25 -12.62 -13.35
N ASP A 79 0.09 -12.10 -13.78
CA ASP A 79 -0.31 -12.06 -15.19
C ASP A 79 -0.36 -13.43 -15.87
N THR A 80 -0.68 -14.45 -15.09
CA THR A 80 -0.64 -15.86 -15.52
C THR A 80 -1.90 -16.62 -15.05
N GLU A 81 -2.60 -17.25 -15.99
CA GLU A 81 -3.75 -18.09 -15.64
C GLU A 81 -3.28 -19.32 -14.83
N CYS A 82 -3.83 -19.47 -13.61
CA CYS A 82 -3.51 -20.59 -12.70
C CYS A 82 -4.81 -21.29 -12.29
N ILE A 83 -4.76 -22.61 -12.04
CA ILE A 83 -5.93 -23.32 -11.52
C ILE A 83 -5.70 -23.62 -10.04
N VAL A 84 -6.63 -23.16 -9.20
CA VAL A 84 -6.60 -23.40 -7.74
C VAL A 84 -7.90 -24.11 -7.35
N ASN A 85 -7.78 -25.33 -6.79
CA ASN A 85 -8.94 -26.12 -6.36
C ASN A 85 -10.06 -26.12 -7.41
N GLY A 86 -9.67 -26.35 -8.66
CA GLY A 86 -10.60 -26.44 -9.77
C GLY A 86 -11.14 -25.15 -10.37
N VAL A 87 -10.61 -23.99 -9.94
CA VAL A 87 -11.08 -22.67 -10.40
C VAL A 87 -9.91 -21.87 -10.99
N LYS A 88 -10.11 -21.32 -12.20
CA LYS A 88 -9.11 -20.45 -12.83
C LYS A 88 -9.04 -19.09 -12.11
N VAL A 89 -7.83 -18.68 -11.77
CA VAL A 89 -7.53 -17.38 -11.14
C VAL A 89 -6.33 -16.69 -11.81
N VAL A 90 -6.30 -15.36 -11.70
CA VAL A 90 -5.16 -14.54 -12.18
C VAL A 90 -4.85 -13.49 -11.11
N LEU A 91 -3.56 -13.29 -10.82
CA LEU A 91 -3.09 -12.19 -9.96
C LEU A 91 -2.57 -11.04 -10.80
N LEU A 92 -3.00 -9.81 -10.50
CA LEU A 92 -2.58 -8.60 -11.21
C LEU A 92 -1.95 -7.60 -10.25
N ASP A 93 -0.94 -6.85 -10.69
CA ASP A 93 -0.36 -5.82 -9.83
C ASP A 93 -1.42 -4.76 -9.41
N ALA A 94 -1.49 -4.48 -8.11
CA ALA A 94 -2.48 -3.53 -7.57
C ALA A 94 -1.99 -2.08 -7.48
N ASN A 95 -0.73 -1.81 -7.81
CA ASN A 95 -0.17 -0.45 -7.64
C ASN A 95 -0.46 0.08 -6.22
N HIS A 96 -0.20 -0.76 -5.21
CA HIS A 96 -0.35 -0.43 -3.79
C HIS A 96 1.07 -0.49 -3.20
N CYS A 97 1.36 -1.41 -2.30
CA CYS A 97 2.71 -1.64 -1.73
C CYS A 97 3.38 -2.82 -2.43
N PRO A 98 4.67 -3.08 -2.12
CA PRO A 98 5.32 -4.22 -2.82
C PRO A 98 4.62 -5.55 -2.54
N GLY A 99 4.41 -6.32 -3.61
CA GLY A 99 3.73 -7.62 -3.51
C GLY A 99 2.20 -7.60 -3.52
N ALA A 100 1.59 -6.41 -3.54
CA ALA A 100 0.14 -6.27 -3.50
C ALA A 100 -0.50 -6.62 -4.83
N VAL A 101 -1.57 -7.43 -4.76
CA VAL A 101 -2.28 -7.88 -5.96
C VAL A 101 -3.79 -7.65 -5.91
N MET A 102 -4.38 -7.59 -7.11
CA MET A 102 -5.82 -7.79 -7.36
C MET A 102 -5.98 -9.25 -7.84
N ILE A 103 -7.17 -9.82 -7.61
CA ILE A 103 -7.42 -11.23 -7.98
C ILE A 103 -8.65 -11.33 -8.89
N LEU A 104 -8.48 -11.97 -10.04
CA LEU A 104 -9.56 -12.28 -10.98
C LEU A 104 -9.96 -13.74 -10.76
N PHE A 105 -11.24 -13.97 -10.48
CA PHE A 105 -11.79 -15.33 -10.31
C PHE A 105 -12.78 -15.63 -11.45
N TYR A 106 -12.56 -16.77 -12.11
CA TYR A 106 -13.41 -17.20 -13.22
C TYR A 106 -14.27 -18.36 -12.69
N LEU A 107 -15.49 -18.06 -12.25
CA LEU A 107 -16.34 -19.07 -11.60
C LEU A 107 -16.79 -20.15 -12.58
N PRO A 108 -17.01 -21.38 -12.08
CA PRO A 108 -17.48 -22.47 -12.94
C PRO A 108 -18.76 -22.15 -13.73
N ASN A 109 -19.67 -21.37 -13.14
CA ASN A 109 -20.93 -21.00 -13.80
C ASN A 109 -20.82 -19.89 -14.89
N GLY A 110 -19.62 -19.32 -15.09
CA GLY A 110 -19.39 -18.28 -16.11
C GLY A 110 -19.28 -16.86 -15.55
N THR A 111 -19.63 -16.68 -14.28
CA THR A 111 -19.43 -15.41 -13.59
C THR A 111 -17.92 -15.09 -13.45
N VAL A 112 -17.58 -13.82 -13.58
CA VAL A 112 -16.20 -13.32 -13.45
C VAL A 112 -16.22 -12.22 -12.35
N ILE A 113 -15.36 -12.39 -11.35
CA ILE A 113 -15.27 -11.49 -10.19
C ILE A 113 -13.85 -10.91 -10.13
N LEU A 114 -13.74 -9.59 -9.97
CA LEU A 114 -12.47 -8.93 -9.64
C LEU A 114 -12.50 -8.44 -8.21
N HIS A 115 -11.50 -8.84 -7.42
CA HIS A 115 -11.28 -8.32 -6.07
C HIS A 115 -10.04 -7.43 -6.15
N THR A 116 -10.19 -6.13 -5.89
CA THR A 116 -9.05 -5.22 -6.05
C THR A 116 -8.00 -5.28 -4.92
N GLY A 117 -8.32 -5.95 -3.82
CA GLY A 117 -7.55 -5.80 -2.59
C GLY A 117 -7.49 -4.31 -2.26
N ASP A 118 -6.35 -3.85 -1.75
CA ASP A 118 -6.06 -2.40 -1.70
C ASP A 118 -5.35 -2.02 -3.02
N PHE A 119 -5.76 -0.91 -3.66
CA PHE A 119 -5.16 -0.50 -4.95
C PHE A 119 -5.15 1.03 -5.16
N ARG A 120 -4.24 1.48 -6.02
CA ARG A 120 -4.32 2.83 -6.59
C ARG A 120 -4.56 2.72 -8.08
N ALA A 121 -5.83 2.90 -8.47
CA ALA A 121 -6.23 2.76 -9.87
C ALA A 121 -5.36 3.61 -10.78
N ASP A 122 -5.02 3.04 -11.94
CA ASP A 122 -4.22 3.73 -12.95
C ASP A 122 -4.68 3.33 -14.35
N PRO A 123 -4.61 4.27 -15.33
CA PRO A 123 -5.00 3.89 -16.72
C PRO A 123 -4.22 2.70 -17.30
N SER A 124 -2.99 2.45 -16.82
CA SER A 124 -2.23 1.28 -17.26
C SER A 124 -2.95 -0.07 -16.99
N MET A 125 -3.84 -0.09 -15.99
CA MET A 125 -4.67 -1.28 -15.72
C MET A 125 -5.67 -1.61 -16.83
N GLU A 126 -5.98 -0.62 -17.67
CA GLU A 126 -6.92 -0.77 -18.80
C GLU A 126 -6.29 -1.62 -19.92
N ARG A 127 -4.99 -1.91 -19.81
CA ARG A 127 -4.25 -2.76 -20.75
C ARG A 127 -3.54 -3.95 -20.08
N SER A 128 -4.08 -4.39 -18.95
CA SER A 128 -3.70 -5.67 -18.36
C SER A 128 -4.60 -6.78 -18.97
N LEU A 129 -4.57 -7.98 -18.41
CA LEU A 129 -5.53 -9.06 -18.74
C LEU A 129 -7.02 -8.70 -18.49
N LEU A 130 -7.29 -7.59 -17.79
CA LEU A 130 -8.67 -7.05 -17.68
C LEU A 130 -9.30 -6.59 -18.98
N ALA A 131 -8.48 -6.27 -19.97
CA ALA A 131 -8.98 -5.77 -21.25
C ALA A 131 -9.88 -6.78 -21.99
N ASP A 132 -9.57 -8.06 -21.85
CA ASP A 132 -10.25 -9.15 -22.58
C ASP A 132 -11.73 -9.27 -22.35
N GLN A 133 -12.11 -9.52 -21.11
CA GLN A 133 -13.45 -10.02 -20.81
C GLN A 133 -14.21 -9.17 -19.80
N LYS A 134 -15.48 -9.49 -19.73
CA LYS A 134 -16.46 -8.83 -18.92
C LYS A 134 -16.27 -9.24 -17.45
N VAL A 135 -16.49 -8.29 -16.54
CA VAL A 135 -16.45 -8.53 -15.08
C VAL A 135 -17.85 -8.28 -14.52
N HIS A 136 -18.43 -9.28 -13.89
CA HIS A 136 -19.80 -9.17 -13.37
C HIS A 136 -19.87 -8.52 -12.01
N MET A 137 -18.94 -8.90 -11.11
CA MET A 137 -18.90 -8.36 -9.74
C MET A 137 -17.51 -7.80 -9.41
N LEU A 138 -17.50 -6.63 -8.78
CA LEU A 138 -16.27 -5.92 -8.37
C LEU A 138 -16.27 -5.71 -6.84
N TYR A 139 -15.28 -6.30 -6.16
CA TYR A 139 -15.07 -6.10 -4.72
C TYR A 139 -14.02 -4.97 -4.63
N LEU A 140 -14.48 -3.76 -4.27
CA LEU A 140 -13.75 -2.49 -4.54
C LEU A 140 -13.15 -1.84 -3.30
N ASP A 141 -11.86 -1.51 -3.35
CA ASP A 141 -11.19 -0.65 -2.33
C ASP A 141 -11.75 0.78 -2.45
N THR A 142 -12.68 1.08 -1.54
CA THR A 142 -13.39 2.36 -1.48
C THR A 142 -12.83 3.34 -0.41
N THR A 143 -11.56 3.18 -0.04
CA THR A 143 -10.93 4.01 1.01
C THR A 143 -11.27 5.51 0.85
N TYR A 144 -11.05 6.07 -0.35
CA TYR A 144 -11.25 7.50 -0.61
C TYR A 144 -12.41 7.79 -1.58
N CYS A 145 -13.52 7.06 -1.39
CA CYS A 145 -14.71 7.21 -2.25
C CYS A 145 -15.59 8.43 -1.88
N SER A 146 -15.04 9.63 -2.09
CA SER A 146 -15.76 10.89 -1.91
C SER A 146 -14.97 12.00 -2.61
N PRO A 147 -15.66 12.94 -3.30
CA PRO A 147 -14.96 13.93 -4.15
C PRO A 147 -13.97 14.86 -3.45
N GLU A 148 -14.10 15.01 -2.14
CA GLU A 148 -13.15 15.83 -1.41
C GLU A 148 -11.74 15.25 -1.33
N TYR A 149 -11.63 13.93 -1.57
CA TYR A 149 -10.34 13.27 -1.51
C TYR A 149 -9.57 13.48 -2.83
N THR A 150 -8.75 14.51 -2.83
CA THR A 150 -7.85 14.85 -3.91
C THR A 150 -6.43 14.79 -3.34
N PHE A 151 -5.50 14.36 -4.17
CA PHE A 151 -4.07 14.47 -3.85
C PHE A 151 -3.25 14.38 -5.17
N PRO A 152 -1.97 14.81 -5.14
CA PRO A 152 -1.16 14.82 -6.37
C PRO A 152 -0.72 13.43 -6.82
N SER A 153 -0.10 13.35 -8.00
CA SER A 153 0.52 12.11 -8.43
C SER A 153 1.70 11.79 -7.51
N GLN A 154 2.04 10.51 -7.44
CA GLN A 154 3.23 10.08 -6.70
C GLN A 154 4.51 10.75 -7.27
N GLN A 155 4.58 10.91 -8.60
CA GLN A 155 5.75 11.55 -9.23
C GLN A 155 5.91 12.99 -8.74
N GLU A 156 4.82 13.75 -8.66
CA GLU A 156 4.87 15.16 -8.17
C GLU A 156 5.35 15.25 -6.72
N VAL A 157 4.87 14.33 -5.88
CA VAL A 157 5.23 14.31 -4.47
C VAL A 157 6.71 13.97 -4.31
N ILE A 158 7.21 13.02 -5.12
CA ILE A 158 8.64 12.65 -5.06
C ILE A 158 9.54 13.80 -5.54
N ARG A 159 9.13 14.49 -6.60
CA ARG A 159 9.87 15.68 -7.05
C ARG A 159 10.01 16.71 -5.93
N PHE A 160 8.92 16.97 -5.21
CA PHE A 160 8.94 17.90 -4.08
C PHE A 160 9.91 17.44 -2.99
N ALA A 161 9.85 16.15 -2.65
CA ALA A 161 10.73 15.62 -1.60
C ALA A 161 12.22 15.69 -1.98
N ILE A 162 12.56 15.25 -3.20
CA ILE A 162 13.95 15.29 -3.68
C ILE A 162 14.49 16.72 -3.66
N ASN A 163 13.72 17.64 -4.23
CA ASN A 163 14.17 19.05 -4.34
C ASN A 163 14.36 19.68 -2.95
N THR A 164 13.42 19.42 -2.03
CA THR A 164 13.49 19.91 -0.65
C THR A 164 14.72 19.37 0.11
N ALA A 165 14.94 18.07 0.01
CA ALA A 165 16.09 17.44 0.68
C ALA A 165 17.43 17.90 0.11
N PHE A 166 17.54 17.94 -1.21
CA PHE A 166 18.78 18.33 -1.86
C PHE A 166 19.12 19.78 -1.51
N GLU A 167 18.12 20.66 -1.53
CA GLU A 167 18.37 22.08 -1.18
C GLU A 167 18.87 22.21 0.26
N ALA A 168 18.19 21.57 1.20
CA ALA A 168 18.53 21.69 2.63
C ALA A 168 19.95 21.20 2.97
N VAL A 169 20.34 20.07 2.38
CA VAL A 169 21.64 19.45 2.68
C VAL A 169 22.78 20.14 1.92
N THR A 170 22.47 20.71 0.76
CA THR A 170 23.47 21.52 0.02
C THR A 170 23.74 22.84 0.76
N LEU A 171 22.70 23.45 1.31
CA LEU A 171 22.88 24.64 2.18
C LEU A 171 23.63 24.31 3.50
N ASN A 172 23.27 23.19 4.12
CA ASN A 172 23.90 22.72 5.36
C ASN A 172 24.33 21.24 5.27
N PRO A 173 25.61 20.99 4.88
CA PRO A 173 26.11 19.60 4.82
C PRO A 173 26.07 18.81 6.12
N HIS A 174 25.88 19.48 7.25
CA HIS A 174 25.68 18.82 8.55
C HIS A 174 24.22 18.59 8.95
N ALA A 175 23.29 18.72 8.01
CA ALA A 175 21.89 18.32 8.24
C ALA A 175 21.69 16.82 8.00
N LEU A 176 20.89 16.20 8.88
CA LEU A 176 20.43 14.81 8.74
C LEU A 176 19.01 14.79 8.18
N VAL A 177 18.73 13.89 7.24
CA VAL A 177 17.34 13.64 6.79
C VAL A 177 16.79 12.38 7.44
N VAL A 178 15.58 12.48 7.99
CA VAL A 178 14.87 11.35 8.60
C VAL A 178 13.51 11.12 7.91
N CYS A 179 13.17 9.86 7.65
N CYS A 179 13.18 9.87 7.63
CA CYS A 179 11.88 9.48 7.06
CA CYS A 179 11.88 9.50 7.07
C CYS A 179 11.16 8.49 7.96
C CYS A 179 11.19 8.56 8.05
N GLY A 180 9.88 8.75 8.23
CA GLY A 180 9.06 7.84 9.06
C GLY A 180 8.48 6.68 8.27
N THR A 181 8.32 5.52 8.93
CA THR A 181 7.67 4.32 8.36
C THR A 181 6.99 3.46 9.46
N TYR A 182 5.88 2.80 9.13
CA TYR A 182 5.24 1.81 10.06
C TYR A 182 4.75 0.50 9.43
N SER A 183 5.02 0.33 8.14
CA SER A 183 4.62 -0.81 7.36
C SER A 183 5.39 -0.78 6.04
N ILE A 184 5.25 -1.82 5.24
CA ILE A 184 5.75 -1.75 3.87
C ILE A 184 4.87 -0.79 3.04
N GLY A 185 5.40 -0.41 1.89
CA GLY A 185 4.87 0.66 1.05
C GLY A 185 5.60 1.98 1.18
N LYS A 186 5.53 2.79 0.12
CA LYS A 186 6.06 4.16 0.10
C LYS A 186 7.61 4.21 0.14
N GLU A 187 8.25 3.11 -0.24
CA GLU A 187 9.70 3.02 -0.22
C GLU A 187 10.36 4.07 -1.12
N LYS A 188 9.67 4.48 -2.21
CA LYS A 188 10.23 5.47 -3.15
C LYS A 188 10.61 6.77 -2.43
N VAL A 189 9.88 7.14 -1.37
CA VAL A 189 10.16 8.40 -0.67
C VAL A 189 11.62 8.41 -0.17
N PHE A 190 12.00 7.39 0.61
CA PHE A 190 13.35 7.37 1.19
C PHE A 190 14.43 6.96 0.17
N LEU A 191 14.08 6.08 -0.77
CA LEU A 191 15.04 5.67 -1.79
C LEU A 191 15.43 6.85 -2.71
N ALA A 192 14.42 7.63 -3.15
CA ALA A 192 14.68 8.76 -4.03
C ALA A 192 15.52 9.86 -3.36
N ILE A 193 15.23 10.14 -2.10
CA ILE A 193 16.01 11.13 -1.33
C ILE A 193 17.47 10.65 -1.15
N ALA A 194 17.65 9.39 -0.76
CA ALA A 194 19.03 8.89 -0.57
C ALA A 194 19.85 8.94 -1.89
N ASP A 195 19.18 8.62 -2.99
CA ASP A 195 19.79 8.66 -4.32
C ASP A 195 20.28 10.06 -4.70
N VAL A 196 19.47 11.09 -4.49
CA VAL A 196 19.90 12.48 -4.80
C VAL A 196 21.06 12.96 -3.90
N LEU A 197 21.13 12.43 -2.67
CA LEU A 197 22.16 12.81 -1.71
C LEU A 197 23.43 11.94 -1.78
N GLY A 198 23.42 10.90 -2.62
CA GLY A 198 24.59 10.01 -2.72
C GLY A 198 24.87 9.19 -1.48
N SER A 199 23.79 8.76 -0.82
CA SER A 199 23.87 8.04 0.44
C SER A 199 23.07 6.74 0.35
N LYS A 200 23.44 5.78 1.20
CA LYS A 200 22.55 4.65 1.53
C LYS A 200 21.57 5.08 2.63
N VAL A 201 20.47 4.33 2.75
CA VAL A 201 19.47 4.55 3.79
C VAL A 201 19.75 3.65 4.99
N GLY A 202 19.93 4.26 6.17
CA GLY A 202 20.20 3.55 7.41
C GLY A 202 18.94 3.25 8.20
N MET A 203 18.87 2.07 8.79
CA MET A 203 17.68 1.58 9.47
C MET A 203 18.00 0.46 10.47
N SER A 204 17.01 0.15 11.32
CA SER A 204 17.10 -0.99 12.24
C SER A 204 17.29 -2.33 11.52
N GLN A 205 17.82 -3.30 12.25
CA GLN A 205 17.91 -4.68 11.73
C GLN A 205 16.55 -5.23 11.30
N GLU A 206 15.50 -4.95 12.06
CA GLU A 206 14.15 -5.44 11.77
C GLU A 206 13.60 -4.88 10.44
N LYS A 207 13.77 -3.57 10.20
CA LYS A 207 13.34 -2.96 8.94
C LYS A 207 14.19 -3.42 7.76
N TYR A 208 15.51 -3.59 7.98
CA TYR A 208 16.39 -4.11 6.95
C TYR A 208 15.91 -5.49 6.46
N LYS A 209 15.56 -6.36 7.43
CA LYS A 209 15.04 -7.70 7.14
C LYS A 209 13.81 -7.63 6.25
N THR A 210 12.86 -6.76 6.62
CA THR A 210 11.62 -6.59 5.84
C THR A 210 11.94 -6.20 4.40
N LEU A 211 12.79 -5.20 4.22
CA LEU A 211 13.14 -4.73 2.87
C LEU A 211 13.88 -5.79 2.04
N GLN A 212 14.71 -6.63 2.67
CA GLN A 212 15.38 -7.73 1.95
C GLN A 212 14.40 -8.78 1.35
N CYS A 213 13.16 -8.84 1.84
CA CYS A 213 12.10 -9.72 1.28
C CYS A 213 11.37 -9.23 0.00
N LEU A 214 11.63 -8.00 -0.45
CA LEU A 214 10.79 -7.32 -1.47
C LEU A 214 11.20 -7.35 -2.97
N ASN A 215 12.24 -8.10 -3.31
CA ASN A 215 12.75 -8.19 -4.70
C ASN A 215 13.02 -6.83 -5.41
N ILE A 216 13.47 -5.84 -4.65
CA ILE A 216 13.80 -4.54 -5.25
C ILE A 216 15.17 -4.68 -5.92
N PRO A 217 15.28 -4.35 -7.23
CA PRO A 217 16.57 -4.43 -7.93
C PRO A 217 17.69 -3.63 -7.28
N GLU A 218 18.87 -4.23 -7.21
CA GLU A 218 20.08 -3.61 -6.65
C GLU A 218 19.93 -3.10 -5.19
N ILE A 219 19.07 -3.75 -4.40
CA ILE A 219 18.77 -3.30 -3.01
C ILE A 219 20.00 -3.24 -2.10
N ASN A 220 20.92 -4.20 -2.23
CA ASN A 220 22.15 -4.19 -1.41
C ASN A 220 22.98 -2.89 -1.59
N SER A 221 22.88 -2.28 -2.77
CA SER A 221 23.50 -1.00 -3.05
C SER A 221 22.79 0.22 -2.42
N LEU A 222 21.57 0.06 -1.92
CA LEU A 222 20.74 1.20 -1.47
C LEU A 222 20.45 1.33 0.03
N ILE A 223 20.56 0.24 0.80
CA ILE A 223 20.17 0.23 2.22
C ILE A 223 21.26 -0.37 3.11
N THR A 224 21.22 -0.04 4.40
CA THR A 224 22.25 -0.51 5.35
C THR A 224 21.77 -0.47 6.80
N THR A 225 22.38 -1.29 7.66
CA THR A 225 22.18 -1.20 9.11
C THR A 225 23.25 -0.34 9.81
N ASP A 226 24.25 0.10 9.06
CA ASP A 226 25.33 0.97 9.60
C ASP A 226 24.85 2.43 9.55
N MET A 227 24.28 2.88 10.66
CA MET A 227 23.69 4.22 10.78
C MET A 227 24.74 5.33 10.58
N CYS A 228 25.96 5.09 11.07
CA CYS A 228 27.08 6.05 10.97
C CYS A 228 27.52 6.35 9.53
N SER A 229 27.33 5.39 8.62
CA SER A 229 27.67 5.58 7.20
C SER A 229 26.63 6.35 6.39
N SER A 230 25.44 6.55 6.95
CA SER A 230 24.24 7.04 6.23
C SER A 230 23.83 8.46 6.67
N LEU A 231 23.44 9.33 5.74
CA LEU A 231 22.80 10.62 6.10
C LEU A 231 21.29 10.70 5.80
N VAL A 232 20.66 9.55 5.51
CA VAL A 232 19.19 9.40 5.49
C VAL A 232 18.85 8.24 6.42
N HIS A 233 18.15 8.51 7.52
CA HIS A 233 17.77 7.47 8.50
C HIS A 233 16.27 7.21 8.49
N LEU A 234 15.88 5.94 8.65
CA LEU A 234 14.47 5.58 8.84
C LEU A 234 14.17 5.34 10.30
N LEU A 235 13.07 5.88 10.77
CA LEU A 235 12.59 5.66 12.13
C LEU A 235 11.12 5.28 12.11
N PRO A 236 10.63 4.63 13.19
CA PRO A 236 9.18 4.43 13.33
C PRO A 236 8.40 5.73 13.19
N MET A 237 7.23 5.66 12.55
CA MET A 237 6.37 6.84 12.33
C MET A 237 6.06 7.58 13.64
N MET A 238 5.84 6.82 14.71
CA MET A 238 5.60 7.36 16.06
C MET A 238 6.67 8.28 16.63
N GLN A 239 7.92 8.13 16.17
CA GLN A 239 9.03 8.97 16.60
C GLN A 239 9.19 10.27 15.77
N ILE A 240 8.38 10.46 14.72
CA ILE A 240 8.48 11.66 13.89
C ILE A 240 7.69 12.81 14.53
N ASN A 241 8.30 13.38 15.56
CA ASN A 241 7.76 14.52 16.31
C ASN A 241 8.95 15.23 16.97
N PHE A 242 8.75 16.46 17.46
CA PHE A 242 9.91 17.24 17.95
C PHE A 242 10.69 16.53 19.08
N LYS A 243 9.99 15.91 20.01
CA LYS A 243 10.62 15.16 21.10
C LYS A 243 11.46 13.98 20.59
N GLY A 244 10.86 13.14 19.75
CA GLY A 244 11.52 11.94 19.27
C GLY A 244 12.72 12.22 18.38
N LEU A 245 12.62 13.31 17.60
CA LEU A 245 13.70 13.72 16.69
C LEU A 245 14.86 14.38 17.46
N GLN A 246 14.56 15.20 18.46
CA GLN A 246 15.57 15.74 19.37
C GLN A 246 16.39 14.63 20.02
N SER A 247 15.69 13.60 20.52
CA SER A 247 16.32 12.45 21.14
C SER A 247 17.21 11.69 20.17
N HIS A 248 16.73 11.50 18.94
CA HIS A 248 17.56 10.88 17.90
C HIS A 248 18.83 11.68 17.59
N LEU A 249 18.70 13.00 17.48
CA LEU A 249 19.85 13.88 17.19
C LEU A 249 20.93 13.75 18.27
N LYS A 250 20.52 13.68 19.52
CA LYS A 250 21.46 13.42 20.65
C LYS A 250 22.29 12.16 20.42
N LYS A 251 21.64 11.09 19.97
CA LYS A 251 22.32 9.81 19.73
C LYS A 251 23.36 9.80 18.60
N CYS A 252 23.32 10.80 17.71
CA CYS A 252 24.23 10.84 16.55
C CYS A 252 25.63 11.44 16.84
N GLY A 253 25.89 11.81 18.09
CA GLY A 253 27.25 12.10 18.56
C GLY A 253 27.89 13.35 17.99
N GLY A 254 27.09 14.38 17.72
CA GLY A 254 27.59 15.65 17.19
C GLY A 254 28.03 15.61 15.74
N LYS A 255 27.56 14.62 14.98
CA LYS A 255 27.80 14.52 13.55
C LYS A 255 26.91 15.53 12.80
N TYR A 256 25.72 15.79 13.37
CA TYR A 256 24.71 16.64 12.75
C TYR A 256 24.22 17.74 13.69
N ASN A 257 23.76 18.85 13.11
CA ASN A 257 23.26 20.01 13.88
C ASN A 257 21.87 20.50 13.43
N GLN A 258 21.18 19.70 12.62
CA GLN A 258 19.87 20.03 12.04
C GLN A 258 19.20 18.72 11.57
N ILE A 259 17.87 18.61 11.73
CA ILE A 259 17.08 17.50 11.14
C ILE A 259 16.01 18.06 10.20
N LEU A 260 15.93 17.46 9.02
CA LEU A 260 14.82 17.63 8.09
C LEU A 260 14.10 16.27 8.08
N ALA A 261 12.82 16.23 8.48
CA ALA A 261 12.05 14.98 8.54
C ALA A 261 10.81 14.97 7.64
N PHE A 262 10.50 13.78 7.11
CA PHE A 262 9.30 13.56 6.29
C PHE A 262 8.35 12.53 6.91
N ARG A 263 7.06 12.89 6.94
CA ARG A 263 5.96 12.00 7.35
C ARG A 263 5.08 11.76 6.12
N PRO A 264 5.25 10.61 5.44
CA PRO A 264 4.39 10.28 4.32
C PRO A 264 3.07 9.79 4.90
N THR A 265 2.07 10.64 4.81
CA THR A 265 0.72 10.33 5.23
C THR A 265 -0.05 9.86 4.00
N GLY A 266 -1.33 9.54 4.21
CA GLY A 266 -2.29 9.50 3.11
C GLY A 266 -2.86 10.90 2.94
N TRP A 267 -4.13 10.97 2.61
CA TRP A 267 -4.85 12.25 2.56
C TRP A 267 -4.92 12.89 3.95
N THR A 268 -4.84 14.22 3.98
CA THR A 268 -5.15 15.06 5.15
C THR A 268 -5.91 16.31 4.66
N HIS A 269 -6.80 16.86 5.51
CA HIS A 269 -7.58 18.10 5.19
C HIS A 269 -6.83 19.27 4.54
N SER A 270 -5.54 19.45 4.84
CA SER A 270 -4.74 20.50 4.16
C SER A 270 -4.62 20.33 2.63
N ASN A 271 -4.93 19.14 2.10
CA ASN A 271 -5.09 18.92 0.64
C ASN A 271 -6.20 19.77 -0.01
N LYS A 272 -7.26 20.05 0.75
CA LYS A 272 -8.37 20.90 0.29
C LYS A 272 -7.97 22.38 0.06
N PHE A 273 -6.97 22.85 0.80
CA PHE A 273 -6.51 24.24 0.71
C PHE A 273 -5.27 24.43 -0.16
N THR A 274 -4.27 23.57 0.04
CA THR A 274 -2.90 23.83 -0.41
C THR A 274 -2.47 22.93 -1.58
N ARG A 275 -1.70 23.51 -2.51
CA ARG A 275 -1.03 22.76 -3.58
C ARG A 275 0.29 22.19 -3.08
N ILE A 276 0.76 21.10 -3.69
CA ILE A 276 2.02 20.43 -3.25
C ILE A 276 3.20 21.40 -3.23
N ALA A 277 3.30 22.25 -4.26
CA ALA A 277 4.35 23.28 -4.35
C ALA A 277 4.36 24.25 -3.16
N ASP A 278 3.18 24.55 -2.62
CA ASP A 278 3.05 25.51 -1.50
C ASP A 278 3.21 24.90 -0.10
N VAL A 279 3.48 23.59 -0.02
CA VAL A 279 3.61 22.89 1.27
C VAL A 279 4.79 23.42 2.11
N ILE A 280 4.53 23.66 3.40
CA ILE A 280 5.52 24.17 4.35
C ILE A 280 5.62 23.23 5.56
N PRO A 281 6.77 23.23 6.26
CA PRO A 281 6.93 22.36 7.41
C PRO A 281 6.47 22.99 8.72
N GLN A 282 6.35 22.15 9.75
CA GLN A 282 6.29 22.62 11.13
C GLN A 282 7.73 22.67 11.63
N THR A 283 8.11 23.76 12.31
CA THR A 283 9.50 23.96 12.72
C THR A 283 9.59 24.36 14.20
N LYS A 284 10.56 23.75 14.90
CA LYS A 284 10.95 24.16 16.25
C LYS A 284 12.48 24.11 16.34
N GLY A 285 13.12 25.27 16.47
CA GLY A 285 14.57 25.34 16.53
C GLY A 285 15.20 24.76 15.28
N ASN A 286 16.12 23.80 15.46
CA ASN A 286 16.86 23.17 14.35
C ASN A 286 16.20 21.89 13.76
N ILE A 287 14.89 21.72 13.99
CA ILE A 287 14.10 20.58 13.48
C ILE A 287 12.90 21.08 12.67
N SER A 288 12.76 20.52 11.45
CA SER A 288 11.62 20.78 10.56
C SER A 288 10.97 19.46 10.13
N ILE A 289 9.63 19.43 10.14
CA ILE A 289 8.85 18.23 9.77
C ILE A 289 7.86 18.55 8.64
N TYR A 290 8.01 17.84 7.52
CA TYR A 290 7.09 17.94 6.39
C TYR A 290 6.13 16.77 6.34
N GLY A 291 4.83 17.05 6.28
CA GLY A 291 3.81 16.06 5.96
C GLY A 291 3.59 16.06 4.47
N ILE A 292 3.81 14.93 3.80
CA ILE A 292 3.65 14.87 2.34
C ILE A 292 2.57 13.84 1.95
N PRO A 293 1.66 14.22 1.04
CA PRO A 293 0.50 13.36 0.72
C PRO A 293 0.83 12.30 -0.32
N TYR A 294 1.66 11.32 0.06
CA TYR A 294 2.05 10.21 -0.83
C TYR A 294 1.02 9.07 -0.63
N SER A 295 0.07 8.95 -1.54
CA SER A 295 -1.00 7.93 -1.41
C SER A 295 -0.71 6.66 -2.20
N GLU A 296 -0.97 5.51 -1.58
CA GLU A 296 -1.03 4.21 -2.27
C GLU A 296 -2.48 3.67 -2.40
N HIS A 297 -3.47 4.57 -2.26
CA HIS A 297 -4.88 4.29 -2.61
C HIS A 297 -5.38 5.27 -3.68
N SER A 298 -6.38 4.81 -4.45
CA SER A 298 -7.01 5.66 -5.49
C SER A 298 -7.53 6.97 -4.93
N SER A 299 -7.29 8.07 -5.63
CA SER A 299 -8.12 9.26 -5.41
C SER A 299 -9.57 8.98 -5.86
N TYR A 300 -10.49 9.86 -5.51
CA TYR A 300 -11.88 9.75 -5.98
C TYR A 300 -11.93 9.69 -7.53
N LEU A 301 -11.23 10.62 -8.20
CA LEU A 301 -11.27 10.67 -9.68
C LEU A 301 -10.63 9.43 -10.33
N GLU A 302 -9.54 8.93 -9.75
CA GLU A 302 -8.88 7.70 -10.27
C GLU A 302 -9.83 6.50 -10.14
N MET A 303 -10.47 6.36 -8.98
CA MET A 303 -11.46 5.28 -8.74
C MET A 303 -12.64 5.33 -9.73
N LYS A 304 -13.23 6.53 -9.85
CA LYS A 304 -14.33 6.76 -10.80
C LYS A 304 -13.96 6.35 -12.23
N ARG A 305 -12.79 6.78 -12.70
CA ARG A 305 -12.37 6.45 -14.07
C ARG A 305 -12.25 4.92 -14.27
N PHE A 306 -11.60 4.24 -13.33
CA PHE A 306 -11.45 2.78 -13.39
C PHE A 306 -12.80 2.06 -13.46
N VAL A 307 -13.73 2.44 -12.59
CA VAL A 307 -15.02 1.77 -12.52
C VAL A 307 -15.85 2.03 -13.78
N GLN A 308 -15.85 3.27 -14.27
CA GLN A 308 -16.58 3.62 -15.51
C GLN A 308 -16.01 2.92 -16.74
N TRP A 309 -14.70 2.63 -16.73
CA TRP A 309 -14.08 1.81 -17.80
C TRP A 309 -14.49 0.33 -17.68
N LEU A 310 -14.42 -0.21 -16.47
CA LEU A 310 -14.70 -1.64 -16.25
C LEU A 310 -16.17 -2.00 -16.47
N LYS A 311 -17.09 -1.08 -16.12
CA LYS A 311 -18.54 -1.28 -16.27
C LYS A 311 -19.08 -2.57 -15.57
N PRO A 312 -18.77 -2.73 -14.28
CA PRO A 312 -19.25 -3.91 -13.55
C PRO A 312 -20.77 -3.92 -13.34
N GLN A 313 -21.36 -5.12 -13.26
CA GLN A 313 -22.81 -5.23 -13.03
C GLN A 313 -23.19 -4.96 -11.58
N LYS A 314 -22.30 -5.29 -10.64
CA LYS A 314 -22.53 -5.09 -9.20
C LYS A 314 -21.19 -4.72 -8.54
N ILE A 315 -21.25 -3.75 -7.61
CA ILE A 315 -20.10 -3.35 -6.79
C ILE A 315 -20.35 -3.67 -5.31
N ILE A 316 -19.35 -4.28 -4.68
CA ILE A 316 -19.32 -4.60 -3.25
C ILE A 316 -18.14 -3.83 -2.64
N PRO A 317 -18.41 -2.76 -1.89
CA PRO A 317 -17.31 -2.07 -1.19
C PRO A 317 -16.66 -2.92 -0.10
N THR A 318 -15.33 -2.79 0.06
CA THR A 318 -14.58 -3.48 1.11
C THR A 318 -13.98 -2.54 2.21
N VAL A 319 -14.21 -1.22 2.10
CA VAL A 319 -13.72 -0.22 3.03
C VAL A 319 -14.83 0.82 3.30
N ASN A 320 -14.87 1.33 4.53
CA ASN A 320 -15.94 2.24 4.99
C ASN A 320 -17.32 1.55 5.03
N VAL A 321 -17.32 0.26 5.33
CA VAL A 321 -18.57 -0.54 5.36
C VAL A 321 -19.35 -0.48 6.68
N GLY A 322 -18.78 0.14 7.71
CA GLY A 322 -19.31 0.02 9.07
C GLY A 322 -20.40 0.98 9.49
N THR A 323 -20.68 2.03 8.71
CA THR A 323 -21.76 3.00 9.04
C THR A 323 -22.78 3.13 7.91
N TRP A 324 -24.04 3.38 8.28
CA TRP A 324 -25.09 3.57 7.29
C TRP A 324 -24.83 4.80 6.42
N LYS A 325 -24.33 5.88 7.01
CA LYS A 325 -24.02 7.10 6.26
C LYS A 325 -22.95 6.84 5.19
N SER A 326 -21.89 6.13 5.55
CA SER A 326 -20.85 5.78 4.53
C SER A 326 -21.38 4.89 3.42
N ARG A 327 -22.12 3.86 3.80
CA ARG A 327 -22.69 2.93 2.83
C ARG A 327 -23.63 3.68 1.87
N SER A 328 -24.50 4.55 2.39
CA SER A 328 -25.46 5.33 1.55
C SER A 328 -24.73 6.31 0.59
N THR A 329 -23.71 6.99 1.10
CA THR A 329 -22.87 7.89 0.31
C THR A 329 -22.21 7.16 -0.88
N MET A 330 -21.57 6.03 -0.60
CA MET A 330 -20.89 5.27 -1.66
C MET A 330 -21.88 4.78 -2.73
N GLU A 331 -23.03 4.26 -2.29
N GLU A 331 -23.04 4.26 -2.30
CA GLU A 331 -24.06 3.78 -3.21
CA GLU A 331 -24.04 3.77 -3.26
C GLU A 331 -24.60 4.88 -4.14
C GLU A 331 -24.55 4.90 -4.17
N LYS A 332 -24.74 6.11 -3.62
CA LYS A 332 -25.15 7.25 -4.45
C LYS A 332 -24.09 7.58 -5.54
N TYR A 333 -22.81 7.50 -5.18
CA TYR A 333 -21.75 7.71 -6.20
C TYR A 333 -21.74 6.61 -7.26
N PHE A 334 -21.88 5.35 -6.86
CA PHE A 334 -21.88 4.27 -7.85
C PHE A 334 -23.03 4.48 -8.86
N ARG A 335 -24.20 4.92 -8.39
CA ARG A 335 -25.33 5.16 -9.31
C ARG A 335 -25.08 6.37 -10.23
N GLU A 336 -24.52 7.45 -9.69
N GLU A 336 -24.50 7.43 -9.68
CA GLU A 336 -24.09 8.57 -10.52
CA GLU A 336 -24.08 8.59 -10.49
C GLU A 336 -23.17 8.10 -11.64
C GLU A 336 -23.09 8.20 -11.60
N TRP A 337 -22.15 7.32 -11.28
CA TRP A 337 -21.14 6.87 -12.26
C TRP A 337 -21.78 6.04 -13.39
N LYS A 338 -22.70 5.17 -13.00
CA LYS A 338 -23.42 4.29 -13.95
C LYS A 338 -24.31 5.12 -14.90
N LEU A 339 -25.07 6.08 -14.36
CA LEU A 339 -25.96 6.92 -15.19
C LEU A 339 -25.17 7.82 -16.15
N GLU A 340 -24.05 8.38 -15.69
CA GLU A 340 -23.19 9.21 -16.55
C GLU A 340 -22.60 8.43 -17.71
N ALA A 341 -22.07 7.23 -17.44
CA ALA A 341 -21.40 6.42 -18.46
C ALA A 341 -22.36 5.57 -19.30
N GLY A 342 -23.55 5.27 -18.79
CA GLY A 342 -24.58 4.54 -19.55
C GLY A 342 -24.64 3.01 -19.44
N TYR A 343 -23.92 2.41 -18.49
CA TYR A 343 -23.94 0.94 -18.28
C TYR A 343 -25.02 0.57 -17.27
#